data_7WXX
#
_entry.id   7WXX
#
_cell.length_a   77.360
_cell.length_b   77.360
_cell.length_c   62.710
_cell.angle_alpha   90.00
_cell.angle_beta   90.00
_cell.angle_gamma   90.00
#
_symmetry.space_group_name_H-M   'I 4'
#
loop_
_entity.id
_entity.type
_entity.pdbx_description
1 polymer Matrilysin
2 polymer 'Peptide Inhibitor'
3 non-polymer 'CALCIUM ION'
4 non-polymer 'ZINC ION'
5 water water
#
loop_
_entity_poly.entity_id
_entity_poly.type
_entity_poly.pdbx_seq_one_letter_code
_entity_poly.pdbx_strand_id
1 'polypeptide(L)'
;MGYSLFPNSPKWTSKVVTYRIVSYTRDLPHITVDRLVSKALNMWGKEIPLHFRKVVWGTADIMIGFARGAHGDSYPFDGP
GNTLAHAFAPGTGLGGDAHFDEDERWTDGSSLGINFLYAATHQLGHSLGMGHSSDPNAVMYPTYGNGDPQNFKLSQDDIK
GIQKLYGKRSNSRKK
;
A
2 'polypeptide(L)' (7SF)(GGL)GLV(EOE)(NH2) B
#
loop_
_chem_comp.id
_chem_comp.type
_chem_comp.name
_chem_comp.formula
7SF non-polymer '4-chloranyl-3-(trifluoromethyl)benzenesulfonic acid' 'C7 H4 Cl F3 O3 S'
CA non-polymer 'CALCIUM ION' 'Ca 2'
GGL L-gamma-peptide, C-delta linking 'GAMMA-L-GLUTAMIC ACID' 'C5 H9 N O4'
NH2 non-polymer 'AMINO GROUP' 'H2 N'
ZN non-polymer 'ZINC ION' 'Zn 2'
#
# COMPACT_ATOMS: atom_id res chain seq x y z
N GLY A 2 5.50 -1.07 19.57
CA GLY A 2 5.48 -0.13 18.44
C GLY A 2 5.20 -0.92 17.16
N TYR A 3 6.08 -0.71 16.17
CA TYR A 3 5.89 -1.37 14.83
C TYR A 3 5.98 -2.90 14.87
N SER A 4 5.48 -3.56 13.82
N SER A 4 5.44 -3.55 13.82
CA SER A 4 5.76 -4.93 13.58
CA SER A 4 5.61 -4.96 13.56
C SER A 4 6.02 -5.09 12.09
C SER A 4 5.99 -5.09 12.09
N LEU A 5 6.65 -6.20 11.78
CA LEU A 5 6.90 -6.65 10.40
C LEU A 5 6.00 -7.83 10.17
N PHE A 6 6.30 -8.64 9.15
CA PHE A 6 5.59 -9.93 8.95
C PHE A 6 6.49 -11.05 9.50
N PRO A 7 5.88 -12.20 9.83
CA PRO A 7 6.76 -13.32 10.25
C PRO A 7 7.83 -13.66 9.21
N ASN A 8 9.05 -13.87 9.67
CA ASN A 8 10.27 -14.09 8.84
C ASN A 8 10.73 -12.86 8.04
N SER A 9 10.15 -11.67 8.33
CA SER A 9 10.69 -10.42 7.76
C SER A 9 10.86 -10.46 6.24
N PRO A 10 9.76 -10.88 5.51
CA PRO A 10 9.87 -10.73 4.06
C PRO A 10 10.06 -9.27 3.59
N LYS A 11 10.91 -9.07 2.61
CA LYS A 11 11.23 -7.76 2.02
C LYS A 11 11.62 -7.91 0.58
N TRP A 12 11.53 -6.82 -0.20
CA TRP A 12 12.04 -6.74 -1.56
C TRP A 12 13.61 -6.74 -1.43
N THR A 13 14.19 -7.63 -2.21
CA THR A 13 15.70 -7.75 -2.13
C THR A 13 16.39 -7.27 -3.40
N SER A 14 15.64 -6.88 -4.41
N SER A 14 15.64 -6.88 -4.40
CA SER A 14 16.15 -6.21 -5.59
CA SER A 14 16.18 -6.26 -5.59
C SER A 14 16.29 -4.73 -5.36
C SER A 14 16.27 -4.76 -5.40
N LYS A 15 17.22 -4.12 -6.10
CA LYS A 15 17.37 -2.67 -5.99
C LYS A 15 16.20 -1.88 -6.55
N VAL A 16 15.53 -2.45 -7.56
CA VAL A 16 14.34 -1.84 -8.17
C VAL A 16 13.18 -2.81 -8.13
N VAL A 17 12.01 -2.24 -7.78
CA VAL A 17 10.73 -2.93 -7.72
C VAL A 17 9.74 -2.20 -8.69
N THR A 18 9.06 -2.94 -9.52
CA THR A 18 8.11 -2.34 -10.47
C THR A 18 6.71 -2.27 -9.84
N TYR A 19 5.91 -1.28 -10.28
CA TYR A 19 4.50 -1.21 -9.86
C TYR A 19 3.58 -0.82 -11.02
N ARG A 20 2.33 -1.25 -10.96
CA ARG A 20 1.33 -0.91 -12.00
C ARG A 20 0.00 -0.59 -11.33
N ILE A 21 -0.62 0.54 -11.74
CA ILE A 21 -2.04 0.84 -11.37
C ILE A 21 -2.88 0.18 -12.40
N VAL A 22 -3.51 -0.92 -12.03
CA VAL A 22 -4.17 -1.82 -12.99
C VAL A 22 -5.58 -1.37 -13.31
N SER A 23 -6.30 -0.92 -12.27
CA SER A 23 -7.74 -0.58 -12.39
C SER A 23 -8.04 0.63 -11.46
N TYR A 24 -9.01 1.45 -11.88
CA TYR A 24 -9.27 2.74 -11.28
C TYR A 24 -10.66 2.78 -10.58
N THR A 25 -11.00 3.93 -10.01
CA THR A 25 -12.30 4.11 -9.39
C THR A 25 -13.05 5.23 -10.12
N ARG A 26 -14.35 5.04 -10.26
CA ARG A 26 -15.26 6.08 -10.75
C ARG A 26 -15.27 7.35 -9.88
N ASP A 27 -14.86 7.23 -8.63
CA ASP A 27 -14.87 8.37 -7.68
C ASP A 27 -13.87 9.49 -8.01
N LEU A 28 -12.75 9.19 -8.69
CA LEU A 28 -11.72 10.15 -9.01
C LEU A 28 -11.19 10.06 -10.42
N PRO A 29 -10.58 11.18 -10.93
CA PRO A 29 -9.92 11.12 -12.23
C PRO A 29 -8.76 10.05 -12.12
N HIS A 30 -8.48 9.42 -13.24
CA HIS A 30 -7.33 8.48 -13.22
C HIS A 30 -6.04 9.16 -12.88
N ILE A 31 -5.76 10.37 -13.40
CA ILE A 31 -4.53 11.06 -13.09
C ILE A 31 -4.32 11.33 -11.60
N THR A 32 -5.42 11.60 -10.89
CA THR A 32 -5.33 11.86 -9.48
C THR A 32 -4.92 10.60 -8.71
N VAL A 33 -5.50 9.44 -9.08
CA VAL A 33 -5.08 8.17 -8.46
C VAL A 33 -3.60 7.95 -8.74
N ASP A 34 -3.17 8.17 -9.97
CA ASP A 34 -1.76 7.96 -10.30
C ASP A 34 -0.84 8.81 -9.44
N ARG A 35 -1.14 10.14 -9.32
CA ARG A 35 -0.31 11.03 -8.51
C ARG A 35 -0.31 10.65 -6.99
N LEU A 36 -1.47 10.25 -6.46
CA LEU A 36 -1.56 9.92 -5.02
C LEU A 36 -0.82 8.60 -4.73
N VAL A 37 -0.95 7.63 -5.63
CA VAL A 37 -0.12 6.38 -5.50
C VAL A 37 1.38 6.70 -5.47
N SER A 38 1.84 7.55 -6.38
N SER A 38 1.82 7.55 -6.38
CA SER A 38 3.28 7.96 -6.40
CA SER A 38 3.24 7.94 -6.44
C SER A 38 3.69 8.63 -5.10
C SER A 38 3.68 8.62 -5.14
N LYS A 39 2.81 9.49 -4.60
CA LYS A 39 3.11 10.25 -3.37
C LYS A 39 3.24 9.26 -2.17
N ALA A 40 2.29 8.33 -2.08
CA ALA A 40 2.30 7.29 -1.04
C ALA A 40 3.58 6.45 -1.10
N LEU A 41 3.88 5.92 -2.29
CA LEU A 41 5.15 5.16 -2.43
C LEU A 41 6.36 5.95 -2.01
N ASN A 42 6.42 7.23 -2.41
CA ASN A 42 7.58 8.12 -2.06
C ASN A 42 7.68 8.46 -0.64
N MET A 43 6.57 8.44 0.15
CA MET A 43 6.63 8.59 1.59
C MET A 43 7.54 7.54 2.24
N TRP A 44 7.38 6.29 1.82
CA TRP A 44 8.12 5.17 2.35
C TRP A 44 9.52 5.20 1.65
N GLY A 45 9.53 5.41 0.34
CA GLY A 45 10.81 5.31 -0.41
C GLY A 45 11.85 6.32 -0.02
N LYS A 46 11.50 7.52 0.35
CA LYS A 46 12.49 8.51 0.75
C LYS A 46 13.30 8.06 1.93
N GLU A 47 12.80 7.11 2.76
CA GLU A 47 13.48 6.70 3.99
C GLU A 47 14.49 5.55 3.80
N ILE A 48 14.47 4.85 2.67
CA ILE A 48 15.11 3.54 2.49
C ILE A 48 15.85 3.40 1.13
N PRO A 49 16.81 2.47 1.04
CA PRO A 49 17.45 2.26 -0.26
C PRO A 49 16.69 1.31 -1.20
N LEU A 50 15.59 1.78 -1.78
CA LEU A 50 14.74 1.01 -2.71
C LEU A 50 14.18 2.00 -3.68
N HIS A 51 14.10 1.62 -4.96
N HIS A 51 14.18 1.67 -4.99
CA HIS A 51 13.57 2.47 -5.99
CA HIS A 51 13.61 2.49 -6.07
C HIS A 51 12.41 1.79 -6.70
C HIS A 51 12.41 1.79 -6.68
N PHE A 52 11.40 2.59 -7.04
CA PHE A 52 10.19 2.11 -7.66
C PHE A 52 10.09 2.56 -9.12
N ARG A 53 9.74 1.64 -10.04
CA ARG A 53 9.58 2.01 -11.46
C ARG A 53 8.16 1.73 -11.87
N LYS A 54 7.49 2.76 -12.42
CA LYS A 54 6.12 2.56 -12.90
C LYS A 54 6.04 1.82 -14.25
N VAL A 55 5.13 0.85 -14.38
CA VAL A 55 4.79 0.23 -15.73
C VAL A 55 3.28 0.37 -15.99
N VAL A 56 2.88 0.39 -17.28
CA VAL A 56 1.50 0.60 -17.70
C VAL A 56 0.78 -0.59 -18.28
N TRP A 57 1.44 -1.73 -18.39
CA TRP A 57 0.83 -2.94 -18.94
C TRP A 57 1.48 -4.14 -18.27
N GLY A 58 0.87 -5.29 -18.43
CA GLY A 58 1.43 -6.57 -17.99
C GLY A 58 1.47 -6.74 -16.49
N THR A 59 2.33 -7.65 -16.04
N THR A 59 2.32 -7.65 -16.01
CA THR A 59 2.47 -7.91 -14.62
CA THR A 59 2.35 -7.95 -14.57
C THR A 59 3.67 -7.10 -14.13
C THR A 59 3.62 -7.29 -14.03
N ALA A 60 3.50 -6.41 -13.01
CA ALA A 60 4.58 -5.72 -12.37
C ALA A 60 4.71 -6.44 -10.94
N ASP A 61 5.78 -6.06 -10.22
CA ASP A 61 5.95 -6.68 -8.85
C ASP A 61 4.74 -6.31 -7.89
N ILE A 62 4.44 -5.03 -7.84
CA ILE A 62 3.34 -4.51 -6.99
C ILE A 62 2.16 -4.21 -7.98
N MET A 63 1.14 -5.03 -7.95
CA MET A 63 -0.14 -4.75 -8.78
C MET A 63 -1.12 -4.04 -7.83
N ILE A 64 -1.58 -2.88 -8.23
CA ILE A 64 -2.45 -2.00 -7.40
C ILE A 64 -3.77 -1.83 -8.18
N GLY A 65 -4.86 -1.96 -7.50
CA GLY A 65 -6.12 -1.62 -8.22
C GLY A 65 -7.36 -1.71 -7.36
N PHE A 66 -8.45 -1.31 -7.99
CA PHE A 66 -9.77 -1.38 -7.42
C PHE A 66 -10.58 -2.55 -7.98
N ALA A 67 -11.39 -3.11 -7.12
CA ALA A 67 -12.24 -4.28 -7.49
C ALA A 67 -13.51 -4.35 -6.66
N ARG A 68 -14.57 -4.95 -7.24
CA ARG A 68 -15.72 -5.37 -6.51
C ARG A 68 -15.75 -6.86 -6.30
N GLY A 69 -16.10 -7.35 -5.13
CA GLY A 69 -16.31 -8.74 -4.96
C GLY A 69 -15.08 -9.62 -5.15
N ALA A 70 -15.26 -10.80 -5.73
CA ALA A 70 -14.13 -11.75 -5.97
C ALA A 70 -13.35 -11.32 -7.09
N HIS A 71 -11.96 -11.35 -6.98
CA HIS A 71 -11.13 -10.70 -7.95
C HIS A 71 -9.77 -11.43 -8.15
N GLY A 72 -9.79 -12.68 -7.85
CA GLY A 72 -8.73 -13.59 -8.27
C GLY A 72 -7.74 -14.05 -7.26
N ASP A 73 -7.86 -13.55 -6.05
CA ASP A 73 -6.95 -13.97 -4.95
C ASP A 73 -7.70 -14.80 -3.96
N SER A 74 -7.21 -15.14 -2.79
CA SER A 74 -8.29 -15.91 -2.03
C SER A 74 -9.26 -15.14 -1.12
N TYR A 75 -9.33 -13.81 -1.27
CA TYR A 75 -9.93 -12.90 -0.28
C TYR A 75 -10.92 -11.93 -0.92
N PRO A 76 -12.13 -12.43 -1.28
CA PRO A 76 -13.03 -11.54 -2.02
C PRO A 76 -13.51 -10.34 -1.18
N PHE A 77 -13.76 -9.24 -1.83
CA PHE A 77 -14.42 -8.09 -1.15
C PHE A 77 -15.91 -8.42 -0.98
N ASP A 78 -16.59 -7.55 -0.24
CA ASP A 78 -17.77 -7.92 0.49
C ASP A 78 -18.84 -6.84 0.46
N GLY A 79 -18.81 -5.98 -0.55
CA GLY A 79 -19.73 -4.88 -0.79
C GLY A 79 -19.52 -3.74 0.17
N PRO A 80 -20.54 -2.89 0.31
CA PRO A 80 -20.32 -1.65 1.14
C PRO A 80 -20.00 -1.98 2.57
N GLY A 81 -19.07 -1.22 3.20
CA GLY A 81 -18.68 -1.54 4.59
C GLY A 81 -17.78 -2.67 4.83
N ASN A 82 -17.62 -3.06 6.10
CA ASN A 82 -16.75 -4.18 6.52
C ASN A 82 -15.33 -3.97 5.89
N THR A 83 -14.76 -4.96 5.17
CA THR A 83 -13.39 -4.70 4.65
C THR A 83 -13.32 -3.63 3.57
N LEU A 84 -12.33 -2.70 3.66
CA LEU A 84 -12.21 -1.59 2.78
C LEU A 84 -11.16 -1.79 1.68
N ALA A 85 -10.13 -2.55 2.07
CA ALA A 85 -8.88 -2.74 1.26
C ALA A 85 -8.01 -3.80 1.91
N HIS A 86 -7.02 -4.36 1.18
CA HIS A 86 -6.06 -5.33 1.75
C HIS A 86 -4.81 -5.36 0.87
N ALA A 87 -3.68 -5.86 1.42
CA ALA A 87 -2.41 -5.92 0.67
C ALA A 87 -1.57 -6.99 1.22
N PHE A 88 -0.71 -7.52 0.36
CA PHE A 88 0.10 -8.67 0.63
C PHE A 88 1.58 -8.37 0.82
N ALA A 89 2.17 -9.08 1.80
CA ALA A 89 3.64 -8.95 2.09
C ALA A 89 4.50 -9.22 0.86
N PRO A 90 5.71 -8.64 0.79
CA PRO A 90 6.61 -8.92 -0.35
C PRO A 90 6.83 -10.40 -0.63
N GLY A 91 6.89 -10.73 -1.90
CA GLY A 91 7.01 -12.08 -2.38
C GLY A 91 6.63 -12.19 -3.87
N THR A 92 6.81 -13.39 -4.48
CA THR A 92 6.40 -13.58 -5.87
C THR A 92 4.86 -13.57 -5.95
N GLY A 93 4.38 -13.46 -7.18
CA GLY A 93 2.93 -13.59 -7.44
C GLY A 93 2.05 -12.56 -6.78
N LEU A 94 1.15 -13.05 -5.94
CA LEU A 94 0.29 -12.09 -5.15
C LEU A 94 1.11 -11.22 -4.20
N GLY A 95 2.33 -11.65 -3.86
CA GLY A 95 3.15 -10.80 -2.92
C GLY A 95 3.28 -9.35 -3.38
N GLY A 96 3.16 -8.38 -2.50
CA GLY A 96 3.21 -6.98 -2.82
C GLY A 96 1.91 -6.34 -3.32
N ASP A 97 0.95 -7.12 -3.76
CA ASP A 97 -0.23 -6.53 -4.46
C ASP A 97 -1.16 -5.80 -3.42
N ALA A 98 -1.83 -4.74 -3.85
CA ALA A 98 -2.65 -3.88 -2.97
C ALA A 98 -4.01 -3.67 -3.67
N HIS A 99 -5.10 -4.03 -3.01
CA HIS A 99 -6.45 -3.96 -3.66
C HIS A 99 -7.37 -3.10 -2.78
N PHE A 100 -8.24 -2.34 -3.44
CA PHE A 100 -9.18 -1.39 -2.77
C PHE A 100 -10.61 -1.79 -3.19
N ASP A 101 -11.56 -1.82 -2.24
CA ASP A 101 -12.99 -2.17 -2.50
C ASP A 101 -13.72 -1.04 -3.18
N GLU A 102 -14.15 -1.26 -4.43
CA GLU A 102 -14.87 -0.29 -5.21
C GLU A 102 -16.24 0.10 -4.58
N ASP A 103 -16.77 -0.75 -3.71
CA ASP A 103 -18.07 -0.53 -3.15
C ASP A 103 -18.05 0.44 -1.97
N GLU A 104 -16.90 1.05 -1.69
CA GLU A 104 -16.88 2.26 -0.74
C GLU A 104 -16.91 3.53 -1.47
N ARG A 105 -16.71 4.69 -0.76
CA ARG A 105 -16.54 5.97 -1.43
C ARG A 105 -15.13 6.48 -1.05
N TRP A 106 -14.37 6.89 -2.09
CA TRP A 106 -12.95 7.34 -1.93
C TRP A 106 -12.85 8.77 -2.37
N THR A 107 -12.01 9.58 -1.66
CA THR A 107 -11.78 10.99 -2.01
C THR A 107 -10.30 11.38 -2.01
N ASP A 108 -10.01 12.42 -2.77
CA ASP A 108 -8.71 13.13 -2.79
C ASP A 108 -8.62 14.20 -1.68
N GLY A 109 -9.67 14.33 -0.87
CA GLY A 109 -9.77 15.31 0.21
C GLY A 109 -10.86 16.36 -0.09
N SER A 110 -11.29 16.51 -1.33
CA SER A 110 -12.28 17.55 -1.66
C SER A 110 -13.76 17.16 -1.51
N SER A 111 -14.04 15.93 -1.14
CA SER A 111 -15.45 15.43 -1.08
C SER A 111 -15.58 14.58 0.14
N LEU A 112 -16.73 13.93 0.32
CA LEU A 112 -16.98 12.88 1.32
C LEU A 112 -16.17 11.66 0.85
N GLY A 113 -15.70 10.85 1.77
CA GLY A 113 -15.04 9.56 1.46
C GLY A 113 -13.89 9.24 2.36
N ILE A 114 -13.40 8.03 2.18
CA ILE A 114 -12.14 7.54 2.76
C ILE A 114 -11.03 8.28 2.04
N ASN A 115 -10.09 8.86 2.80
CA ASN A 115 -9.00 9.64 2.23
C ASN A 115 -8.05 8.62 1.53
N PHE A 116 -8.00 8.71 0.21
CA PHE A 116 -7.27 7.72 -0.59
C PHE A 116 -5.75 7.76 -0.31
N LEU A 117 -5.19 8.94 -0.08
CA LEU A 117 -3.72 8.99 0.19
C LEU A 117 -3.34 8.27 1.45
N TYR A 118 -4.10 8.48 2.52
CA TYR A 118 -3.90 7.77 3.76
C TYR A 118 -4.03 6.26 3.60
N ALA A 119 -5.14 5.82 2.95
CA ALA A 119 -5.37 4.45 2.76
C ALA A 119 -4.26 3.75 1.89
N ALA A 120 -3.85 4.45 0.86
CA ALA A 120 -2.79 3.90 -0.05
C ALA A 120 -1.48 3.82 0.74
N THR A 121 -1.19 4.82 1.57
CA THR A 121 0.10 4.76 2.38
C THR A 121 0.07 3.57 3.38
N HIS A 122 -1.09 3.34 4.00
CA HIS A 122 -1.21 2.17 4.88
C HIS A 122 -1.05 0.84 4.11
N GLN A 123 -1.79 0.69 3.02
CA GLN A 123 -1.73 -0.58 2.24
C GLN A 123 -0.38 -0.82 1.62
N LEU A 124 0.24 0.26 1.09
CA LEU A 124 1.57 0.04 0.47
C LEU A 124 2.62 -0.18 1.58
N GLY A 125 2.39 0.25 2.80
CA GLY A 125 3.24 -0.21 3.94
C GLY A 125 3.25 -1.70 4.08
N HIS A 126 2.08 -2.35 4.00
CA HIS A 126 2.02 -3.78 3.94
C HIS A 126 2.79 -4.40 2.70
N SER A 127 2.58 -3.78 1.51
CA SER A 127 3.25 -4.25 0.29
C SER A 127 4.78 -4.23 0.40
N LEU A 128 5.34 -3.37 1.28
CA LEU A 128 6.78 -3.27 1.53
C LEU A 128 7.23 -4.12 2.73
N GLY A 129 6.31 -4.72 3.47
CA GLY A 129 6.70 -5.59 4.58
C GLY A 129 6.36 -5.12 6.01
N MET A 130 5.62 -4.05 6.18
CA MET A 130 5.17 -3.57 7.48
C MET A 130 3.93 -4.32 7.89
N GLY A 131 3.89 -4.75 9.16
CA GLY A 131 2.69 -5.17 9.83
C GLY A 131 2.04 -4.01 10.56
N HIS A 132 1.15 -4.29 11.51
CA HIS A 132 0.46 -3.28 12.28
C HIS A 132 1.24 -2.85 13.58
N SER A 133 1.06 -1.59 13.90
CA SER A 133 1.74 -0.97 15.03
C SER A 133 0.79 -0.91 16.26
N SER A 134 1.43 -0.98 17.48
CA SER A 134 0.74 -0.64 18.76
C SER A 134 0.68 0.85 19.09
N ASP A 135 1.36 1.72 18.30
CA ASP A 135 1.36 3.16 18.51
C ASP A 135 0.21 3.83 17.77
N PRO A 136 -0.77 4.42 18.50
CA PRO A 136 -1.87 5.13 17.87
C PRO A 136 -1.55 6.23 16.87
N ASN A 137 -0.35 6.78 16.95
CA ASN A 137 0.04 7.77 15.97
C ASN A 137 0.49 7.25 14.59
N ALA A 138 0.75 5.98 14.54
CA ALA A 138 1.37 5.34 13.34
C ALA A 138 0.34 5.22 12.17
N VAL A 139 0.80 5.47 10.93
CA VAL A 139 -0.01 5.12 9.76
C VAL A 139 -0.38 3.64 9.75
N MET A 140 0.49 2.81 10.28
CA MET A 140 0.30 1.33 10.38
C MET A 140 -0.56 0.84 11.56
N TYR A 141 -1.07 1.79 12.33
CA TYR A 141 -2.05 1.38 13.40
C TYR A 141 -3.19 0.63 12.71
N PRO A 142 -3.86 -0.30 13.43
CA PRO A 142 -4.81 -1.18 12.65
C PRO A 142 -6.13 -0.55 12.22
N THR A 143 -6.51 0.61 12.73
CA THR A 143 -7.81 1.17 12.41
C THR A 143 -7.63 2.52 11.75
N TYR A 144 -8.55 2.83 10.83
CA TYR A 144 -8.65 4.13 10.21
C TYR A 144 -9.34 5.09 11.22
N GLN A 150 -5.79 14.26 6.68
CA GLN A 150 -5.88 15.33 5.72
C GLN A 150 -4.56 16.13 5.67
N ASN A 151 -3.76 16.06 6.73
CA ASN A 151 -2.44 16.70 6.64
C ASN A 151 -1.13 15.92 6.98
N PHE A 152 -1.19 14.62 6.76
CA PHE A 152 -0.32 13.71 7.46
C PHE A 152 1.10 13.48 6.86
N LYS A 153 1.84 12.77 7.66
CA LYS A 153 3.19 12.28 7.29
C LYS A 153 3.38 10.95 8.04
N LEU A 154 4.44 10.21 7.70
CA LEU A 154 4.77 9.03 8.47
C LEU A 154 5.16 9.44 9.89
N SER A 155 4.80 8.60 10.85
CA SER A 155 5.18 8.77 12.27
C SER A 155 6.60 8.30 12.52
N GLN A 156 7.20 8.72 13.64
CA GLN A 156 8.50 8.16 13.95
C GLN A 156 8.55 6.64 14.04
N ASP A 157 7.44 6.02 14.51
CA ASP A 157 7.41 4.57 14.62
C ASP A 157 7.42 3.86 13.22
N ASP A 158 6.64 4.45 12.32
CA ASP A 158 6.63 3.99 10.90
C ASP A 158 8.04 4.06 10.27
N ILE A 159 8.76 5.19 10.48
CA ILE A 159 10.12 5.36 9.98
C ILE A 159 11.09 4.37 10.59
N LYS A 160 11.03 4.18 11.93
CA LYS A 160 11.87 3.22 12.57
C LYS A 160 11.71 1.78 12.08
N GLY A 161 10.44 1.38 11.88
CA GLY A 161 10.21 0.05 11.37
C GLY A 161 10.70 -0.19 9.91
N ILE A 162 10.39 0.74 9.03
CA ILE A 162 10.82 0.53 7.67
C ILE A 162 12.35 0.58 7.51
N GLN A 163 12.99 1.47 8.28
CA GLN A 163 14.48 1.48 8.30
C GLN A 163 15.10 0.27 9.00
N LYS A 164 14.37 -0.31 9.98
CA LYS A 164 14.81 -1.58 10.58
C LYS A 164 14.84 -2.73 9.54
N LEU A 165 13.83 -2.74 8.67
CA LEU A 165 13.73 -3.74 7.64
C LEU A 165 14.67 -3.54 6.44
N TYR A 166 14.88 -2.30 5.94
CA TYR A 166 15.61 -2.06 4.72
C TYR A 166 16.99 -1.36 4.89
N GLY A 167 17.19 -0.83 6.11
CA GLY A 167 18.27 0.12 6.36
C GLY A 167 17.86 1.55 6.00
N LYS A 168 18.77 2.52 6.22
CA LYS A 168 18.51 3.89 5.89
C LYS A 168 19.06 4.30 4.55
N ARG A 169 18.31 5.19 3.90
CA ARG A 169 18.75 5.77 2.65
C ARG A 169 19.95 6.72 2.98
N SER A 170 21.02 6.68 2.19
CA SER A 170 22.09 7.71 2.41
C SER A 170 21.97 8.91 1.49
C37 7SF B 1 -8.34 -1.48 6.90
S34 7SF B 1 -9.22 -2.91 6.64
O36 7SF B 1 -10.29 -2.57 5.77
C43 7SF B 1 -8.25 -0.53 5.90
C42 7SF B 1 -7.58 0.70 6.01
C44 7SF B 1 -7.52 1.60 4.81
F47 7SF B 1 -7.93 2.83 5.07
F46 7SF B 1 -8.22 1.17 3.76
F45 7SF B 1 -6.25 1.67 4.40
C40 7SF B 1 -6.91 0.87 7.19
CL1 7SF B 1 -6.00 2.44 7.41
C39 7SF B 1 -6.98 -0.02 8.25
C38 7SF B 1 -7.69 -1.23 8.09
O35 7SF B 1 -9.45 -3.54 7.93
N GGL B 2 -8.21 -3.98 5.91
CA GGL B 2 -7.14 -4.70 6.62
C GGL B 2 -5.86 -3.83 6.68
O GGL B 2 -5.12 -4.04 7.59
CB GGL B 2 -6.82 -5.91 5.78
CG GGL B 2 -5.77 -6.85 6.38
CD GGL B 2 -4.39 -6.79 5.67
OE1 GGL B 2 -4.30 -6.45 4.46
N GLY B 3 -3.32 -7.01 6.43
CA GLY B 3 -2.02 -7.23 5.93
C GLY B 3 -1.89 -8.73 5.75
N LEU B 4 -1.85 -9.30 4.52
CA LEU B 4 -1.90 -10.69 4.22
C LEU B 4 -0.61 -11.37 3.73
N VAL B 5 -0.47 -12.65 4.09
CA VAL B 5 0.65 -13.48 3.62
C VAL B 5 0.22 -14.02 2.26
C EOE B 6 0.51 -16.39 -1.61
CA EOE B 6 0.98 -15.91 -0.21
CB EOE B 6 0.69 -14.38 -0.18
C05 EOE B 6 1.65 -13.59 -1.08
C06 EOE B 6 2.88 -13.34 -0.22
C07 EOE B 6 2.34 -13.16 1.17
N EOE B 6 1.04 -13.85 1.16
O EOE B 6 -0.62 -16.67 -1.84
N NH2 B 7 1.35 -16.42 -2.60
CA CA C . 3.11 -9.16 -6.90
CA CA D . -16.30 -3.61 1.65
ZN ZN E . -7.43 -8.84 -3.23
ZN ZN F . -3.47 -2.93 7.70
#